data_5ILI
#
_entry.id   5ILI
#
_cell.length_a   126.170
_cell.length_b   126.170
_cell.length_c   124.250
_cell.angle_alpha   90.00
_cell.angle_beta   90.00
_cell.angle_gamma   90.00
#
_symmetry.space_group_name_H-M   'P 41 21 2'
#
loop_
_entity.id
_entity.type
_entity.pdbx_description
1 polymer '5-epi-aristolochene synthase'
2 non-polymer 'MAGNESIUM ION'
3 non-polymer '(2R)-3-(cyclohexylamino)-2-hydroxypropane-1-sulfonic acid'
4 non-polymer '(2S)-3-(cyclohexylamino)-2-hydroxypropane-1-sulfonic acid'
5 water water
#
_entity_poly.entity_id   1
_entity_poly.type   'polypeptide(L)'
_entity_poly.pdbx_seq_one_letter_code
;GSMASAAVANYEEEIVRPVADFSPSLWGDQFLSFSIKNQVAEKYAKEIEALKEQTRNMLLATGMKLADTLNLIDTIERLG
ISYHFEKEIDDILDQIYNQNSNCNDLCTSALQFRLLRQHGFNISPEIFSKFQDENGKFKESLASDVLGLLNLYEASHVRT
HADDILEDALAFSTIHLESAAPHLKSPLREQVTHALEQCLHKGVPRVETRFFISSIYDKEQSKNNVLLRFAKLDFNLLQM
LHKQELAQVSRWWKDLDFVTTLPYARDRVVECYFWALGVYFEPQYSQARVMLVKTISMISIVDDTFDAYGTVKELEAYTD
AIQRWDINEIDRLPDYMKISYKAILDLYKDYEKELSSAGRSHIVCHAIERMKEVVRNYNVESTWFIEGYTPPVSEYLSNA
LATTTYYYLATTSYLGMKSATEQDFEWLSKNPKILEASVIICRVIDDTATYEVEKSRGQIATGIECCMRDYGISTKEAMA
KFQNMAETAWKDINEGLLRPTPVSTEFLTPILNLARIVEVTYIHNLDGYTHPEKVLKPHIINLLVDSIKI
;
_entity_poly.pdbx_strand_id   A
#
# COMPACT_ATOMS: atom_id res chain seq x y z
N ILE A 15 3.21 40.78 -0.19
CA ILE A 15 3.66 39.42 0.07
C ILE A 15 4.06 38.68 -1.20
N VAL A 16 5.34 38.29 -1.27
CA VAL A 16 5.85 37.57 -2.42
C VAL A 16 5.71 36.07 -2.25
N ARG A 17 4.82 35.49 -3.06
CA ARG A 17 4.63 34.03 -3.08
C ARG A 17 5.73 33.36 -3.88
N PRO A 18 6.00 32.09 -3.58
CA PRO A 18 6.92 31.29 -4.41
C PRO A 18 6.33 30.99 -5.78
N VAL A 19 7.19 30.82 -6.78
CA VAL A 19 6.73 30.44 -8.11
C VAL A 19 6.33 28.96 -8.13
N ALA A 20 5.11 28.69 -8.61
CA ALA A 20 4.59 27.32 -8.68
C ALA A 20 5.45 26.44 -9.61
N ASP A 21 5.69 25.21 -9.17
CA ASP A 21 6.61 24.32 -9.89
C ASP A 21 6.07 22.90 -10.03
N PHE A 22 4.84 22.66 -9.59
CA PHE A 22 4.22 21.34 -9.76
C PHE A 22 3.76 21.11 -11.19
N SER A 23 4.12 19.97 -11.75
CA SER A 23 3.63 19.57 -13.07
C SER A 23 2.10 19.45 -13.06
N PRO A 24 1.46 19.88 -14.15
CA PRO A 24 0.01 19.76 -14.29
C PRO A 24 -0.43 18.29 -14.31
N SER A 25 -1.73 18.05 -14.16
CA SER A 25 -2.23 16.69 -14.17
C SER A 25 -1.95 16.06 -15.53
N LEU A 26 -1.57 14.78 -15.51
CA LEU A 26 -1.19 14.08 -16.72
C LEU A 26 -2.41 13.71 -17.56
N TRP A 27 -3.56 13.66 -16.92
CA TRP A 27 -4.69 12.88 -17.42
C TRP A 27 -5.81 13.66 -18.09
N GLY A 28 -5.82 14.98 -17.90
CA GLY A 28 -6.88 15.81 -18.46
C GLY A 28 -8.23 15.41 -17.93
N ASP A 29 -9.21 15.32 -18.82
CA ASP A 29 -10.59 15.00 -18.47
C ASP A 29 -10.97 13.54 -18.70
N GLN A 30 -10.00 12.70 -19.03
CA GLN A 30 -10.33 11.39 -19.60
C GLN A 30 -11.09 10.48 -18.63
N PHE A 31 -10.97 10.75 -17.33
CA PHE A 31 -11.67 9.94 -16.33
C PHE A 31 -12.98 10.56 -15.88
N LEU A 32 -13.23 11.79 -16.31
CA LEU A 32 -14.31 12.59 -15.74
C LEU A 32 -15.68 11.95 -15.95
N SER A 33 -15.81 11.24 -17.06
CA SER A 33 -17.08 10.69 -17.43
C SER A 33 -16.95 9.23 -17.82
N PHE A 34 -17.55 8.35 -17.03
CA PHE A 34 -17.60 6.94 -17.39
C PHE A 34 -19.00 6.40 -17.20
N SER A 35 -19.62 6.00 -18.30
CA SER A 35 -20.94 5.37 -18.23
C SER A 35 -20.81 3.88 -18.51
N ILE A 36 -21.12 3.09 -17.49
CA ILE A 36 -20.98 1.63 -17.56
C ILE A 36 -21.91 1.02 -18.60
N LYS A 37 -21.41 0.03 -19.33
CA LYS A 37 -22.26 -0.77 -20.19
C LYS A 37 -22.92 -1.83 -19.32
N ASN A 38 -24.18 -1.60 -18.99
CA ASN A 38 -24.91 -2.51 -18.10
C ASN A 38 -25.02 -3.92 -18.67
N GLN A 39 -25.31 -4.03 -19.97
CA GLN A 39 -25.41 -5.33 -20.61
C GLN A 39 -24.14 -6.14 -20.42
N VAL A 40 -22.99 -5.52 -20.67
CA VAL A 40 -21.71 -6.21 -20.58
C VAL A 40 -21.44 -6.58 -19.12
N ALA A 41 -21.76 -5.68 -18.20
CA ALA A 41 -21.49 -5.91 -16.78
C ALA A 41 -22.35 -7.05 -16.25
N GLU A 42 -23.61 -7.07 -16.66
CA GLU A 42 -24.54 -8.12 -16.25
C GLU A 42 -24.09 -9.48 -16.79
N LYS A 43 -23.72 -9.50 -18.07
CA LYS A 43 -23.21 -10.73 -18.68
C LYS A 43 -21.97 -11.24 -17.92
N TYR A 44 -21.05 -10.33 -17.62
CA TYR A 44 -19.85 -10.70 -16.86
C TYR A 44 -20.20 -11.30 -15.52
N ALA A 45 -21.09 -10.63 -14.79
CA ALA A 45 -21.45 -11.06 -13.44
C ALA A 45 -22.12 -12.44 -13.48
N LYS A 46 -22.95 -12.67 -14.48
CA LYS A 46 -23.62 -13.95 -14.61
C LYS A 46 -22.61 -15.07 -14.83
N GLU A 47 -21.65 -14.86 -15.74
CA GLU A 47 -20.67 -15.91 -16.00
C GLU A 47 -19.73 -16.12 -14.81
N ILE A 48 -19.39 -15.03 -14.13
CA ILE A 48 -18.50 -15.11 -12.99
C ILE A 48 -19.13 -15.98 -11.91
N GLU A 49 -20.45 -15.85 -11.73
CA GLU A 49 -21.14 -16.67 -10.73
C GLU A 49 -20.95 -18.16 -11.02
N ALA A 50 -21.06 -18.54 -12.28
CA ALA A 50 -20.82 -19.91 -12.70
C ALA A 50 -19.36 -20.32 -12.46
N LEU A 51 -18.42 -19.47 -12.90
CA LEU A 51 -17.00 -19.76 -12.75
C LEU A 51 -16.60 -19.84 -11.28
N LYS A 52 -17.16 -18.94 -10.48
CA LYS A 52 -16.90 -18.91 -9.05
C LYS A 52 -17.27 -20.24 -8.40
N GLU A 53 -18.44 -20.76 -8.76
CA GLU A 53 -18.88 -22.04 -8.23
C GLU A 53 -17.97 -23.16 -8.70
N GLN A 54 -17.54 -23.10 -9.96
CA GLN A 54 -16.61 -24.11 -10.49
C GLN A 54 -15.29 -24.08 -9.73
N THR A 55 -14.83 -22.87 -9.43
CA THR A 55 -13.57 -22.70 -8.71
C THR A 55 -13.70 -23.13 -7.25
N ARG A 56 -14.85 -22.84 -6.65
CA ARG A 56 -15.10 -23.29 -5.27
C ARG A 56 -14.99 -24.81 -5.18
N ASN A 57 -15.51 -25.52 -6.18
CA ASN A 57 -15.44 -26.98 -6.22
C ASN A 57 -14.02 -27.50 -6.44
N MET A 58 -13.21 -26.76 -7.22
CA MET A 58 -11.79 -27.09 -7.34
C MET A 58 -11.09 -27.01 -5.98
N LEU A 59 -11.40 -25.97 -5.22
CA LEU A 59 -10.81 -25.78 -3.90
C LEU A 59 -11.22 -26.90 -2.94
N LEU A 60 -12.48 -27.30 -3.01
CA LEU A 60 -13.03 -28.27 -2.07
C LEU A 60 -12.89 -29.72 -2.55
N ALA A 61 -12.13 -29.93 -3.63
CA ALA A 61 -11.92 -31.29 -4.14
C ALA A 61 -11.18 -32.13 -3.10
N THR A 62 -11.62 -33.38 -2.92
CA THR A 62 -10.96 -34.25 -1.94
C THR A 62 -9.75 -34.94 -2.56
N GLY A 63 -8.85 -35.41 -1.70
CA GLY A 63 -7.70 -36.19 -2.13
C GLY A 63 -6.66 -35.48 -2.99
N MET A 64 -6.51 -34.16 -2.82
CA MET A 64 -5.46 -33.44 -3.52
C MET A 64 -4.14 -33.53 -2.74
N LYS A 65 -3.04 -33.67 -3.44
CA LYS A 65 -1.74 -33.65 -2.79
C LYS A 65 -1.44 -32.24 -2.29
N LEU A 66 -0.59 -32.16 -1.27
CA LEU A 66 -0.17 -30.91 -0.67
C LEU A 66 0.31 -29.90 -1.71
N ALA A 67 1.27 -30.31 -2.53
CA ALA A 67 1.83 -29.43 -3.57
C ALA A 67 0.74 -28.87 -4.48
N ASP A 68 -0.16 -29.73 -4.95
CA ASP A 68 -1.23 -29.29 -5.83
C ASP A 68 -2.16 -28.29 -5.14
N THR A 69 -2.48 -28.56 -3.88
CA THR A 69 -3.39 -27.69 -3.13
C THR A 69 -2.76 -26.30 -2.94
N LEU A 70 -1.47 -26.29 -2.60
CA LEU A 70 -0.77 -25.02 -2.40
C LEU A 70 -0.65 -24.27 -3.73
N ASN A 71 -0.32 -24.96 -4.81
CA ASN A 71 -0.24 -24.30 -6.11
C ASN A 71 -1.57 -23.68 -6.54
N LEU A 72 -2.67 -24.38 -6.25
CA LEU A 72 -4.01 -23.91 -6.58
C LEU A 72 -4.34 -22.62 -5.83
N ILE A 73 -4.10 -22.64 -4.52
CA ILE A 73 -4.36 -21.48 -3.69
C ILE A 73 -3.50 -20.31 -4.15
N ASP A 74 -2.22 -20.57 -4.37
CA ASP A 74 -1.29 -19.53 -4.81
C ASP A 74 -1.75 -18.92 -6.11
N THR A 75 -2.19 -19.75 -7.04
CA THR A 75 -2.64 -19.29 -8.36
C THR A 75 -3.90 -18.42 -8.23
N ILE A 76 -4.86 -18.89 -7.45
CA ILE A 76 -6.09 -18.12 -7.24
C ILE A 76 -5.76 -16.77 -6.57
N GLU A 77 -4.84 -16.77 -5.62
CA GLU A 77 -4.41 -15.50 -5.02
C GLU A 77 -3.73 -14.58 -6.01
N ARG A 78 -2.78 -15.09 -6.80
CA ARG A 78 -2.06 -14.22 -7.73
C ARG A 78 -3.00 -13.70 -8.83
N LEU A 79 -3.99 -14.50 -9.21
CA LEU A 79 -5.01 -14.11 -10.19
C LEU A 79 -5.97 -13.04 -9.65
N GLY A 80 -5.91 -12.80 -8.34
CA GLY A 80 -6.68 -11.72 -7.74
C GLY A 80 -8.14 -12.03 -7.51
N ILE A 81 -8.47 -13.32 -7.44
CA ILE A 81 -9.86 -13.74 -7.23
C ILE A 81 -9.99 -14.47 -5.89
N SER A 82 -8.95 -14.44 -5.07
CA SER A 82 -9.03 -15.15 -3.79
C SER A 82 -10.04 -14.49 -2.84
N TYR A 83 -10.38 -13.22 -3.07
CA TYR A 83 -11.30 -12.53 -2.16
C TYR A 83 -12.70 -13.16 -2.21
N HIS A 84 -12.96 -13.97 -3.24
CA HIS A 84 -14.21 -14.72 -3.31
C HIS A 84 -14.22 -15.96 -2.41
N PHE A 85 -13.04 -16.35 -1.94
CA PHE A 85 -12.89 -17.66 -1.28
C PHE A 85 -12.14 -17.57 0.04
N GLU A 86 -12.35 -16.50 0.78
CA GLU A 86 -11.58 -16.28 2.01
C GLU A 86 -11.77 -17.40 3.01
N LYS A 87 -13.00 -17.87 3.17
CA LYS A 87 -13.30 -18.97 4.08
C LYS A 87 -12.71 -20.31 3.64
N GLU A 88 -12.89 -20.68 2.37
CA GLU A 88 -12.38 -21.95 1.87
C GLU A 88 -10.87 -22.03 2.03
N ILE A 89 -10.20 -20.92 1.69
CA ILE A 89 -8.75 -20.89 1.71
C ILE A 89 -8.26 -20.93 3.15
N ASP A 90 -8.93 -20.17 4.02
CA ASP A 90 -8.56 -20.17 5.41
C ASP A 90 -8.70 -21.57 6.02
N ASP A 91 -9.81 -22.23 5.75
CA ASP A 91 -10.01 -23.61 6.23
C ASP A 91 -8.90 -24.53 5.76
N ILE A 92 -8.56 -24.45 4.48
CA ILE A 92 -7.57 -25.35 3.91
C ILE A 92 -6.19 -25.08 4.50
N LEU A 93 -5.80 -23.81 4.56
CA LEU A 93 -4.51 -23.44 5.13
C LEU A 93 -4.41 -23.82 6.62
N ASP A 94 -5.53 -23.72 7.35
CA ASP A 94 -5.54 -24.07 8.76
C ASP A 94 -5.30 -25.57 8.93
N GLN A 95 -5.88 -26.36 8.03
CA GLN A 95 -5.68 -27.80 8.07
C GLN A 95 -4.21 -28.14 7.80
N ILE A 96 -3.63 -27.51 6.79
CA ILE A 96 -2.22 -27.71 6.46
C ILE A 96 -1.29 -27.33 7.62
N TYR A 97 -1.55 -26.17 8.22
CA TYR A 97 -0.80 -25.72 9.40
C TYR A 97 -0.82 -26.73 10.52
N ASN A 98 -2.00 -27.24 10.83
CA ASN A 98 -2.15 -28.15 11.96
C ASN A 98 -1.70 -29.58 11.64
N GLN A 99 -1.71 -29.96 10.37
CA GLN A 99 -1.23 -31.30 10.04
C GLN A 99 0.29 -31.31 10.10
N ASN A 100 0.91 -30.15 9.88
CA ASN A 100 2.36 -29.98 10.05
C ASN A 100 3.16 -31.04 9.29
N SER A 101 3.23 -30.90 7.97
CA SER A 101 3.98 -31.85 7.14
C SER A 101 5.44 -31.42 7.01
N ASN A 102 6.29 -32.38 6.68
CA ASN A 102 7.74 -32.15 6.65
C ASN A 102 8.43 -32.75 5.43
N CYS A 103 7.77 -33.72 4.79
CA CYS A 103 8.37 -34.49 3.71
C CYS A 103 8.30 -33.78 2.35
N ASN A 104 8.84 -32.57 2.24
CA ASN A 104 8.70 -31.81 1.01
C ASN A 104 10.02 -31.40 0.35
N ASP A 105 9.92 -30.96 -0.90
CA ASP A 105 11.04 -30.35 -1.58
C ASP A 105 11.02 -28.83 -1.34
N LEU A 106 12.07 -28.14 -1.76
CA LEU A 106 12.23 -26.71 -1.48
C LEU A 106 11.06 -25.87 -1.96
N CYS A 107 10.65 -26.15 -3.19
CA CYS A 107 9.60 -25.38 -3.80
C CYS A 107 8.32 -25.43 -2.99
N THR A 108 7.89 -26.63 -2.61
CA THR A 108 6.66 -26.78 -1.84
C THR A 108 6.80 -26.23 -0.42
N SER A 109 7.95 -26.49 0.21
CA SER A 109 8.19 -26.02 1.57
C SER A 109 8.16 -24.48 1.64
N ALA A 110 8.85 -23.82 0.72
CA ALA A 110 8.90 -22.36 0.70
C ALA A 110 7.51 -21.78 0.45
N LEU A 111 6.75 -22.38 -0.46
CA LEU A 111 5.40 -21.90 -0.78
C LEU A 111 4.48 -22.08 0.42
N GLN A 112 4.53 -23.27 1.00
CA GLN A 112 3.82 -23.55 2.24
C GLN A 112 4.13 -22.52 3.34
N PHE A 113 5.41 -22.27 3.55
CA PHE A 113 5.81 -21.28 4.54
C PHE A 113 5.20 -19.92 4.21
N ARG A 114 5.32 -19.51 2.96
CA ARG A 114 4.85 -18.15 2.64
C ARG A 114 3.33 -18.02 2.79
N LEU A 115 2.57 -18.94 2.20
CA LEU A 115 1.11 -18.84 2.28
C LEU A 115 0.63 -18.83 3.72
N LEU A 116 1.20 -19.71 4.54
CA LEU A 116 0.76 -19.77 5.93
C LEU A 116 1.11 -18.48 6.69
N ARG A 117 2.33 -18.00 6.53
CA ARG A 117 2.73 -16.78 7.24
C ARG A 117 1.87 -15.60 6.80
N GLN A 118 1.59 -15.52 5.50
CA GLN A 118 0.84 -14.35 5.00
C GLN A 118 -0.58 -14.35 5.54
N HIS A 119 -1.07 -15.53 5.90
CA HIS A 119 -2.41 -15.65 6.43
C HIS A 119 -2.39 -15.71 7.97
N GLY A 120 -1.24 -15.43 8.57
CA GLY A 120 -1.18 -15.31 10.02
C GLY A 120 -0.92 -16.59 10.79
N PHE A 121 -0.68 -17.69 10.06
CA PHE A 121 -0.32 -18.95 10.71
C PHE A 121 1.19 -19.05 10.94
N ASN A 122 1.58 -19.15 12.21
CA ASN A 122 2.99 -19.00 12.58
C ASN A 122 3.81 -20.28 12.40
N ILE A 123 3.84 -20.80 11.18
CA ILE A 123 4.58 -22.01 10.87
C ILE A 123 6.06 -21.81 11.18
N SER A 124 6.68 -22.82 11.79
CA SER A 124 8.07 -22.73 12.20
C SER A 124 9.02 -22.62 11.00
N PRO A 125 10.02 -21.73 11.11
CA PRO A 125 11.04 -21.61 10.06
C PRO A 125 11.94 -22.86 10.01
N GLU A 126 11.80 -23.76 10.97
CA GLU A 126 12.61 -24.98 10.98
C GLU A 126 12.29 -25.88 9.80
N ILE A 127 11.19 -25.59 9.11
CA ILE A 127 10.88 -26.32 7.89
C ILE A 127 12.01 -26.18 6.86
N PHE A 128 12.83 -25.13 6.99
CA PHE A 128 13.92 -24.93 6.03
C PHE A 128 15.24 -25.63 6.43
N SER A 129 15.34 -26.14 7.66
CA SER A 129 16.62 -26.69 8.13
C SER A 129 17.20 -27.79 7.24
N LYS A 130 16.33 -28.65 6.70
CA LYS A 130 16.79 -29.72 5.82
C LYS A 130 17.43 -29.18 4.54
N PHE A 131 17.27 -27.88 4.26
CA PHE A 131 17.86 -27.31 3.05
C PHE A 131 19.14 -26.52 3.34
N GLN A 132 19.61 -26.61 4.58
CA GLN A 132 20.78 -25.86 5.02
C GLN A 132 21.88 -26.76 5.55
N ASP A 133 23.12 -26.30 5.46
CA ASP A 133 24.22 -27.03 6.07
C ASP A 133 24.24 -26.79 7.58
N GLU A 134 25.40 -27.03 8.19
CA GLU A 134 25.55 -26.93 9.64
C GLU A 134 25.57 -25.49 10.12
N ASN A 135 25.86 -24.57 9.22
CA ASN A 135 25.99 -23.16 9.58
C ASN A 135 24.76 -22.34 9.24
N GLY A 136 23.67 -23.02 8.89
CA GLY A 136 22.44 -22.33 8.53
C GLY A 136 22.50 -21.71 7.14
N LYS A 137 23.56 -22.02 6.40
CA LYS A 137 23.65 -21.55 5.01
C LYS A 137 22.91 -22.53 4.11
N PHE A 138 22.10 -22.02 3.19
CA PHE A 138 21.39 -22.86 2.24
C PHE A 138 22.37 -23.67 1.40
N LYS A 139 22.01 -24.93 1.18
CA LYS A 139 22.85 -25.83 0.41
C LYS A 139 22.93 -25.33 -1.02
N GLU A 140 24.13 -25.07 -1.50
CA GLU A 140 24.30 -24.52 -2.84
C GLU A 140 23.98 -25.57 -3.90
N SER A 141 23.84 -26.83 -3.49
CA SER A 141 23.42 -27.88 -4.42
C SER A 141 22.00 -27.64 -4.91
N LEU A 142 21.28 -26.75 -4.22
CA LEU A 142 19.92 -26.40 -4.61
C LEU A 142 19.91 -25.29 -5.65
N ALA A 143 21.09 -24.82 -6.05
CA ALA A 143 21.17 -23.64 -6.90
C ALA A 143 20.64 -23.90 -8.32
N SER A 144 20.48 -25.17 -8.70
CA SER A 144 19.93 -25.45 -10.02
C SER A 144 18.43 -25.76 -9.97
N ASP A 145 17.77 -25.46 -8.85
CA ASP A 145 16.33 -25.69 -8.71
C ASP A 145 15.59 -24.36 -8.80
N VAL A 146 15.27 -23.95 -10.02
CA VAL A 146 14.73 -22.60 -10.21
C VAL A 146 13.38 -22.40 -9.54
N LEU A 147 12.46 -23.38 -9.60
CA LEU A 147 11.16 -23.13 -8.96
C LEU A 147 11.31 -23.11 -7.43
N GLY A 148 12.25 -23.89 -6.92
CA GLY A 148 12.59 -23.85 -5.51
C GLY A 148 13.13 -22.48 -5.12
N LEU A 149 14.09 -21.98 -5.89
CA LEU A 149 14.69 -20.68 -5.61
C LEU A 149 13.66 -19.55 -5.68
N LEU A 150 12.77 -19.61 -6.67
CA LEU A 150 11.78 -18.55 -6.82
C LEU A 150 10.87 -18.52 -5.60
N ASN A 151 10.42 -19.68 -5.16
CA ASN A 151 9.50 -19.69 -4.04
C ASN A 151 10.21 -19.36 -2.72
N LEU A 152 11.47 -19.74 -2.62
CA LEU A 152 12.29 -19.32 -1.49
C LEU A 152 12.49 -17.80 -1.49
N TYR A 153 12.75 -17.24 -2.67
CA TYR A 153 12.89 -15.79 -2.81
C TYR A 153 11.64 -15.07 -2.30
N GLU A 154 10.47 -15.50 -2.76
CA GLU A 154 9.23 -14.87 -2.35
C GLU A 154 9.01 -15.04 -0.83
N ALA A 155 9.33 -16.22 -0.32
CA ALA A 155 9.14 -16.49 1.11
C ALA A 155 10.07 -15.63 1.96
N SER A 156 11.24 -15.28 1.42
CA SER A 156 12.25 -14.57 2.23
C SER A 156 11.76 -13.20 2.69
N HIS A 157 10.72 -12.71 2.02
CA HIS A 157 10.19 -11.37 2.32
C HIS A 157 9.13 -11.36 3.41
N VAL A 158 8.77 -12.53 3.93
CA VAL A 158 7.72 -12.56 4.94
C VAL A 158 8.29 -12.97 6.31
N ARG A 159 9.58 -12.70 6.54
CA ARG A 159 10.25 -13.02 7.80
C ARG A 159 9.82 -12.10 8.96
N THR A 160 9.89 -12.62 10.17
CA THR A 160 9.81 -11.81 11.39
C THR A 160 11.17 -11.78 12.06
N HIS A 161 11.24 -11.17 13.24
CA HIS A 161 12.50 -11.16 13.99
C HIS A 161 12.85 -12.55 14.54
N ALA A 162 11.90 -13.47 14.47
CA ALA A 162 12.14 -14.82 15.02
C ALA A 162 12.67 -15.76 13.94
N ASP A 163 12.88 -15.24 12.74
CA ASP A 163 13.24 -16.09 11.60
C ASP A 163 14.66 -15.87 11.06
N ASP A 164 15.63 -15.71 11.95
CA ASP A 164 17.00 -15.50 11.50
C ASP A 164 17.60 -16.73 10.80
N ILE A 165 16.99 -17.89 10.99
CA ILE A 165 17.30 -19.06 10.18
C ILE A 165 17.30 -18.72 8.68
N LEU A 166 16.40 -17.83 8.28
CA LEU A 166 16.25 -17.44 6.88
C LEU A 166 17.10 -16.24 6.47
N GLU A 167 18.10 -15.87 7.27
CA GLU A 167 18.82 -14.61 7.01
C GLU A 167 19.54 -14.64 5.66
N ASP A 168 19.86 -15.84 5.20
CA ASP A 168 20.62 -16.05 3.96
C ASP A 168 19.70 -16.24 2.74
N ALA A 169 18.40 -16.41 2.99
CA ALA A 169 17.49 -16.83 1.89
C ALA A 169 17.42 -15.83 0.75
N LEU A 170 17.34 -14.54 1.06
CA LEU A 170 17.22 -13.53 0.01
C LEU A 170 18.49 -13.49 -0.86
N ALA A 171 19.66 -13.40 -0.24
CA ALA A 171 20.93 -13.33 -0.98
C ALA A 171 21.12 -14.56 -1.87
N PHE A 172 20.89 -15.72 -1.26
CA PHE A 172 21.09 -17.00 -1.94
C PHE A 172 20.18 -17.15 -3.15
N SER A 173 18.88 -16.91 -2.95
CA SER A 173 17.94 -17.11 -4.03
C SER A 173 18.16 -16.06 -5.13
N THR A 174 18.45 -14.83 -4.73
CA THR A 174 18.69 -13.75 -5.68
C THR A 174 19.87 -14.06 -6.61
N ILE A 175 20.99 -14.48 -6.05
CA ILE A 175 22.19 -14.65 -6.89
C ILE A 175 21.96 -15.75 -7.94
N HIS A 176 21.28 -16.82 -7.55
CA HIS A 176 21.12 -17.93 -8.47
C HIS A 176 19.94 -17.72 -9.42
N LEU A 177 18.94 -16.95 -9.02
CA LEU A 177 17.88 -16.61 -9.97
C LEU A 177 18.44 -15.70 -11.06
N GLU A 178 19.29 -14.73 -10.65
CA GLU A 178 19.93 -13.84 -11.61
C GLU A 178 20.74 -14.63 -12.63
N SER A 179 21.49 -15.61 -12.13
CA SER A 179 22.35 -16.41 -12.98
C SER A 179 21.54 -17.23 -13.98
N ALA A 180 20.41 -17.77 -13.53
CA ALA A 180 19.64 -18.69 -14.35
C ALA A 180 18.72 -17.97 -15.34
N ALA A 181 18.26 -16.78 -14.96
CA ALA A 181 17.16 -16.12 -15.66
C ALA A 181 17.31 -16.01 -17.18
N PRO A 182 18.50 -15.64 -17.70
CA PRO A 182 18.52 -15.40 -19.14
C PRO A 182 18.25 -16.64 -20.01
N HIS A 183 18.33 -17.85 -19.45
CA HIS A 183 18.17 -19.04 -20.28
C HIS A 183 16.87 -19.77 -19.99
N LEU A 184 16.05 -19.16 -19.15
CA LEU A 184 14.76 -19.75 -18.79
C LEU A 184 13.72 -19.59 -19.89
N LYS A 185 12.83 -20.58 -19.97
CA LYS A 185 11.68 -20.58 -20.88
C LYS A 185 10.67 -19.52 -20.45
N SER A 186 9.87 -19.03 -21.40
CA SER A 186 8.80 -18.07 -21.07
C SER A 186 7.51 -18.82 -20.80
N PRO A 187 6.67 -18.31 -19.89
CA PRO A 187 6.81 -17.04 -19.16
C PRO A 187 7.60 -17.13 -17.85
N LEU A 188 8.23 -18.27 -17.56
CA LEU A 188 8.96 -18.37 -16.29
C LEU A 188 10.05 -17.28 -16.22
N ARG A 189 10.74 -17.04 -17.34
CA ARG A 189 11.80 -16.02 -17.37
C ARG A 189 11.25 -14.67 -16.92
N GLU A 190 10.12 -14.29 -17.49
CA GLU A 190 9.49 -13.02 -17.19
C GLU A 190 9.02 -12.97 -15.74
N GLN A 191 8.52 -14.09 -15.23
CA GLN A 191 8.07 -14.13 -13.84
C GLN A 191 9.26 -13.93 -12.87
N VAL A 192 10.38 -14.62 -13.16
CA VAL A 192 11.58 -14.49 -12.33
C VAL A 192 12.14 -13.07 -12.39
N THR A 193 12.31 -12.56 -13.60
CA THR A 193 12.80 -11.20 -13.80
C THR A 193 11.94 -10.19 -13.05
N HIS A 194 10.63 -10.36 -13.15
CA HIS A 194 9.70 -9.46 -12.46
C HIS A 194 9.86 -9.57 -10.94
N ALA A 195 9.94 -10.80 -10.43
CA ALA A 195 10.05 -11.02 -8.99
C ALA A 195 11.30 -10.33 -8.42
N LEU A 196 12.40 -10.41 -9.16
CA LEU A 196 13.65 -9.79 -8.74
C LEU A 196 13.52 -8.27 -8.65
N GLU A 197 12.61 -7.68 -9.44
CA GLU A 197 12.36 -6.24 -9.36
C GLU A 197 11.34 -5.89 -8.29
N GLN A 198 10.37 -6.77 -8.11
CA GLN A 198 9.24 -6.52 -7.22
C GLN A 198 8.75 -7.81 -6.61
N CYS A 199 9.02 -8.03 -5.33
CA CYS A 199 8.56 -9.29 -4.73
C CYS A 199 7.05 -9.21 -4.57
N LEU A 200 6.41 -10.36 -4.44
CA LEU A 200 4.95 -10.43 -4.36
C LEU A 200 4.39 -9.85 -3.05
N HIS A 201 5.00 -10.21 -1.93
CA HIS A 201 4.50 -9.80 -0.61
C HIS A 201 4.50 -8.28 -0.41
N LYS A 202 5.41 -7.59 -1.07
CA LYS A 202 5.52 -6.14 -0.89
C LYS A 202 4.94 -5.34 -2.05
N GLY A 203 4.26 -6.01 -2.97
CA GLY A 203 3.69 -5.32 -4.12
C GLY A 203 2.26 -4.88 -3.83
N VAL A 204 1.73 -3.96 -4.64
CA VAL A 204 0.32 -3.57 -4.52
C VAL A 204 -0.52 -4.67 -5.15
N PRO A 205 -1.53 -5.21 -4.44
CA PRO A 205 -2.20 -6.40 -4.96
C PRO A 205 -2.76 -6.26 -6.39
N ARG A 206 -3.50 -5.20 -6.69
CA ARG A 206 -4.09 -5.11 -8.03
C ARG A 206 -3.00 -4.97 -9.11
N VAL A 207 -1.89 -4.32 -8.78
CA VAL A 207 -0.76 -4.19 -9.69
C VAL A 207 -0.14 -5.56 -9.99
N GLU A 208 0.15 -6.34 -8.95
CA GLU A 208 0.74 -7.65 -9.18
C GLU A 208 -0.23 -8.59 -9.87
N THR A 209 -1.51 -8.50 -9.52
CA THR A 209 -2.55 -9.28 -10.20
C THR A 209 -2.61 -8.95 -11.71
N ARG A 210 -2.57 -7.66 -12.04
CA ARG A 210 -2.62 -7.27 -13.45
C ARG A 210 -1.44 -7.88 -14.19
N PHE A 211 -0.25 -7.77 -13.60
CA PHE A 211 0.93 -8.36 -14.24
C PHE A 211 0.77 -9.89 -14.37
N PHE A 212 0.37 -10.55 -13.29
CA PHE A 212 0.35 -12.02 -13.31
C PHE A 212 -0.63 -12.53 -14.37
N ILE A 213 -1.84 -11.99 -14.38
CA ILE A 213 -2.84 -12.43 -15.36
C ILE A 213 -2.36 -12.27 -16.79
N SER A 214 -1.93 -11.07 -17.15
CA SER A 214 -1.64 -10.74 -18.55
C SER A 214 -0.29 -11.21 -19.05
N SER A 215 0.74 -11.11 -18.23
CA SER A 215 2.11 -11.41 -18.67
C SER A 215 2.54 -12.84 -18.37
N ILE A 216 1.99 -13.42 -17.31
CA ILE A 216 2.38 -14.77 -16.92
C ILE A 216 1.31 -15.81 -17.21
N TYR A 217 0.20 -15.76 -16.47
CA TYR A 217 -0.72 -16.90 -16.52
C TYR A 217 -1.34 -17.08 -17.91
N ASP A 218 -1.65 -15.97 -18.60
CA ASP A 218 -2.17 -16.02 -19.96
C ASP A 218 -1.21 -16.77 -20.90
N LYS A 219 0.06 -16.82 -20.53
CA LYS A 219 1.09 -17.39 -21.40
C LYS A 219 1.63 -18.74 -20.93
N GLU A 220 1.10 -19.25 -19.82
CA GLU A 220 1.52 -20.55 -19.32
C GLU A 220 0.93 -21.65 -20.18
N GLN A 221 1.76 -22.58 -20.64
CA GLN A 221 1.27 -23.72 -21.41
C GLN A 221 0.22 -24.51 -20.61
N SER A 222 0.45 -24.66 -19.32
CA SER A 222 -0.39 -25.47 -18.45
C SER A 222 -1.47 -24.68 -17.71
N LYS A 223 -1.83 -23.51 -18.20
CA LYS A 223 -2.84 -22.69 -17.52
C LYS A 223 -4.18 -23.42 -17.46
N ASN A 224 -4.91 -23.22 -16.38
CA ASN A 224 -6.28 -23.72 -16.25
C ASN A 224 -7.21 -22.67 -16.88
N ASN A 225 -7.98 -23.06 -17.89
CA ASN A 225 -8.73 -22.08 -18.67
C ASN A 225 -9.88 -21.47 -17.91
N VAL A 226 -10.42 -22.24 -16.98
CA VAL A 226 -11.51 -21.78 -16.14
C VAL A 226 -11.00 -20.64 -15.26
N LEU A 227 -9.86 -20.87 -14.62
CA LEU A 227 -9.28 -19.87 -13.73
C LEU A 227 -8.88 -18.61 -14.50
N LEU A 228 -8.31 -18.79 -15.69
CA LEU A 228 -7.86 -17.64 -16.47
C LEU A 228 -9.05 -16.77 -16.87
N ARG A 229 -10.13 -17.40 -17.33
CA ARG A 229 -11.29 -16.64 -17.79
C ARG A 229 -11.95 -15.91 -16.62
N PHE A 230 -12.10 -16.62 -15.50
CA PHE A 230 -12.61 -16.06 -14.25
C PHE A 230 -11.81 -14.80 -13.86
N ALA A 231 -10.50 -14.93 -13.87
CA ALA A 231 -9.62 -13.82 -13.46
C ALA A 231 -9.75 -12.61 -14.38
N LYS A 232 -9.78 -12.84 -15.69
CA LYS A 232 -9.90 -11.74 -16.64
C LYS A 232 -11.24 -11.02 -16.49
N LEU A 233 -12.33 -11.78 -16.44
CA LEU A 233 -13.65 -11.18 -16.31
C LEU A 233 -13.80 -10.44 -14.97
N ASP A 234 -13.27 -11.02 -13.89
CA ASP A 234 -13.43 -10.41 -12.59
C ASP A 234 -12.64 -9.10 -12.54
N PHE A 235 -11.39 -9.16 -13.00
CA PHE A 235 -10.57 -7.96 -13.05
C PHE A 235 -11.24 -6.83 -13.85
N ASN A 236 -11.72 -7.15 -15.05
CA ASN A 236 -12.34 -6.15 -15.91
C ASN A 236 -13.67 -5.64 -15.34
N LEU A 237 -14.41 -6.49 -14.65
CA LEU A 237 -15.67 -6.04 -14.07
C LEU A 237 -15.39 -5.13 -12.88
N LEU A 238 -14.45 -5.50 -12.02
CA LEU A 238 -14.07 -4.63 -10.90
C LEU A 238 -13.50 -3.31 -11.44
N GLN A 239 -12.78 -3.40 -12.56
CA GLN A 239 -12.25 -2.20 -13.19
C GLN A 239 -13.37 -1.22 -13.58
N MET A 240 -14.55 -1.74 -13.94
CA MET A 240 -15.68 -0.86 -14.28
C MET A 240 -16.13 -0.09 -13.05
N LEU A 241 -16.23 -0.79 -11.93
CA LEU A 241 -16.51 -0.12 -10.66
C LEU A 241 -15.47 0.96 -10.32
N HIS A 242 -14.20 0.64 -10.53
CA HIS A 242 -13.13 1.58 -10.15
C HIS A 242 -13.24 2.85 -11.00
N LYS A 243 -13.49 2.67 -12.29
CA LYS A 243 -13.65 3.81 -13.19
C LYS A 243 -14.85 4.66 -12.79
N GLN A 244 -15.94 4.02 -12.37
CA GLN A 244 -17.11 4.74 -11.90
C GLN A 244 -16.76 5.57 -10.67
N GLU A 245 -16.04 4.96 -9.75
CA GLU A 245 -15.61 5.65 -8.55
C GLU A 245 -14.72 6.84 -8.88
N LEU A 246 -13.72 6.61 -9.73
CA LEU A 246 -12.80 7.67 -10.10
C LEU A 246 -13.50 8.81 -10.82
N ALA A 247 -14.51 8.47 -11.63
CA ALA A 247 -15.30 9.51 -12.30
C ALA A 247 -16.05 10.36 -11.27
N GLN A 248 -16.61 9.68 -10.27
CA GLN A 248 -17.36 10.35 -9.21
C GLN A 248 -16.43 11.25 -8.40
N VAL A 249 -15.22 10.76 -8.14
CA VAL A 249 -14.23 11.54 -7.41
C VAL A 249 -13.66 12.67 -8.29
N SER A 250 -13.50 12.40 -9.59
CA SER A 250 -13.01 13.43 -10.50
C SER A 250 -13.99 14.60 -10.60
N ARG A 251 -15.29 14.31 -10.57
CA ARG A 251 -16.31 15.35 -10.63
C ARG A 251 -16.35 16.14 -9.31
N TRP A 252 -16.21 15.43 -8.20
CA TRP A 252 -16.13 16.08 -6.90
C TRP A 252 -14.94 17.06 -6.86
N TRP A 253 -13.79 16.61 -7.35
CA TRP A 253 -12.60 17.45 -7.42
C TRP A 253 -12.78 18.65 -8.33
N LYS A 254 -13.27 18.39 -9.54
CA LYS A 254 -13.51 19.46 -10.50
C LYS A 254 -14.42 20.54 -9.90
N ASP A 255 -15.49 20.11 -9.26
CA ASP A 255 -16.45 21.02 -8.66
C ASP A 255 -15.85 21.91 -7.56
N LEU A 256 -14.83 21.42 -6.84
CA LEU A 256 -14.14 22.25 -5.85
C LEU A 256 -13.22 23.28 -6.51
N ASP A 257 -12.72 22.94 -7.70
CA ASP A 257 -11.93 23.86 -8.53
C ASP A 257 -10.67 24.44 -7.85
N PHE A 258 -9.97 23.64 -7.05
CA PHE A 258 -8.71 24.11 -6.48
C PHE A 258 -7.69 24.42 -7.57
N VAL A 259 -7.83 23.75 -8.71
CA VAL A 259 -6.95 23.97 -9.86
C VAL A 259 -6.83 25.43 -10.25
N THR A 260 -7.84 26.24 -9.91
CA THR A 260 -7.82 27.65 -10.23
C THR A 260 -7.82 28.56 -8.99
N THR A 261 -8.57 28.20 -7.96
CA THR A 261 -8.62 29.03 -6.75
C THR A 261 -7.39 28.81 -5.86
N LEU A 262 -6.81 27.61 -5.91
CA LEU A 262 -5.58 27.33 -5.16
C LEU A 262 -4.51 26.77 -6.09
N PRO A 263 -4.00 27.62 -6.99
CA PRO A 263 -3.17 27.18 -8.11
C PRO A 263 -1.76 26.75 -7.72
N TYR A 264 -1.36 27.04 -6.48
CA TYR A 264 -0.05 26.60 -5.99
C TYR A 264 -0.03 25.10 -5.68
N ALA A 265 -1.20 24.48 -5.70
CA ALA A 265 -1.33 23.13 -5.15
C ALA A 265 -1.38 22.05 -6.25
N ARG A 266 -0.89 20.87 -5.91
CA ARG A 266 -0.87 19.74 -6.83
C ARG A 266 -2.28 19.37 -7.29
N ASP A 267 -2.39 18.98 -8.56
CA ASP A 267 -3.66 18.52 -9.11
C ASP A 267 -3.54 17.02 -9.41
N ARG A 268 -3.62 16.23 -8.35
CA ARG A 268 -3.26 14.82 -8.44
C ARG A 268 -4.35 13.88 -7.93
N VAL A 269 -5.60 14.12 -8.28
CA VAL A 269 -6.65 13.29 -7.71
C VAL A 269 -6.60 11.85 -8.23
N VAL A 270 -6.14 11.67 -9.47
CA VAL A 270 -6.00 10.33 -10.04
C VAL A 270 -4.95 9.52 -9.28
N GLU A 271 -3.82 10.15 -8.99
CA GLU A 271 -2.79 9.51 -8.18
C GLU A 271 -3.30 9.18 -6.78
N CYS A 272 -4.09 10.08 -6.20
CA CYS A 272 -4.66 9.79 -4.88
C CYS A 272 -5.58 8.60 -4.96
N TYR A 273 -6.29 8.47 -6.09
CA TYR A 273 -7.22 7.36 -6.25
C TYR A 273 -6.44 6.06 -6.35
N PHE A 274 -5.34 6.07 -7.09
CA PHE A 274 -4.50 4.86 -7.17
C PHE A 274 -4.07 4.42 -5.78
N TRP A 275 -3.67 5.37 -4.93
CA TRP A 275 -3.28 5.00 -3.58
C TRP A 275 -4.44 4.33 -2.82
N ALA A 276 -5.62 4.92 -2.90
CA ALA A 276 -6.80 4.35 -2.25
C ALA A 276 -7.11 2.96 -2.77
N LEU A 277 -6.98 2.78 -4.09
CA LEU A 277 -7.17 1.48 -4.71
C LEU A 277 -6.16 0.43 -4.22
N GLY A 278 -4.97 0.87 -3.85
CA GLY A 278 -3.97 -0.03 -3.30
C GLY A 278 -4.32 -0.45 -1.87
N VAL A 279 -5.01 0.41 -1.14
CA VAL A 279 -5.40 0.09 0.24
C VAL A 279 -6.46 -1.02 0.23
N TYR A 280 -7.39 -0.95 -0.71
CA TYR A 280 -8.36 -2.02 -0.92
C TYR A 280 -9.01 -1.87 -2.29
N PHE A 281 -9.20 -3.00 -3.00
CA PHE A 281 -9.76 -2.97 -4.34
C PHE A 281 -11.15 -3.61 -4.41
N GLU A 282 -11.54 -4.33 -3.36
CA GLU A 282 -12.76 -5.14 -3.41
C GLU A 282 -14.02 -4.28 -3.48
N PRO A 283 -15.08 -4.79 -4.14
CA PRO A 283 -16.30 -4.01 -4.35
C PRO A 283 -16.96 -3.58 -3.04
N GLN A 284 -16.85 -4.37 -1.98
CA GLN A 284 -17.51 -4.03 -0.73
C GLN A 284 -16.83 -2.84 -0.04
N TYR A 285 -15.66 -2.44 -0.51
CA TYR A 285 -14.97 -1.28 0.09
C TYR A 285 -15.12 -0.05 -0.81
N SER A 286 -16.14 -0.03 -1.65
CA SER A 286 -16.35 1.08 -2.57
C SER A 286 -16.55 2.43 -1.84
N GLN A 287 -17.45 2.47 -0.86
CA GLN A 287 -17.65 3.66 -0.03
C GLN A 287 -16.34 4.08 0.67
N ALA A 288 -15.65 3.10 1.23
CA ALA A 288 -14.40 3.36 1.94
C ALA A 288 -13.35 4.01 1.03
N ARG A 289 -13.23 3.49 -0.20
CA ARG A 289 -12.26 4.02 -1.17
C ARG A 289 -12.52 5.47 -1.49
N VAL A 290 -13.77 5.78 -1.80
CA VAL A 290 -14.13 7.13 -2.19
C VAL A 290 -13.91 8.11 -1.02
N MET A 291 -14.26 7.70 0.19
CA MET A 291 -13.97 8.54 1.36
C MET A 291 -12.47 8.75 1.53
N LEU A 292 -11.70 7.68 1.37
CA LEU A 292 -10.26 7.73 1.56
C LEU A 292 -9.59 8.66 0.55
N VAL A 293 -9.97 8.56 -0.73
CA VAL A 293 -9.30 9.37 -1.75
C VAL A 293 -9.56 10.86 -1.52
N LYS A 294 -10.76 11.20 -1.05
CA LYS A 294 -11.08 12.58 -0.75
C LYS A 294 -10.19 13.12 0.36
N THR A 295 -9.89 12.28 1.34
CA THR A 295 -9.03 12.70 2.44
C THR A 295 -7.60 12.89 1.94
N ILE A 296 -7.12 11.98 1.11
CA ILE A 296 -5.75 12.07 0.60
C ILE A 296 -5.59 13.34 -0.24
N SER A 297 -6.61 13.64 -1.04
CA SER A 297 -6.62 14.86 -1.86
C SER A 297 -6.55 16.11 -0.99
N MET A 298 -7.41 16.16 0.02
CA MET A 298 -7.52 17.35 0.87
C MET A 298 -6.28 17.60 1.72
N ILE A 299 -5.69 16.55 2.30
CA ILE A 299 -4.50 16.75 3.10
C ILE A 299 -3.32 17.13 2.20
N SER A 300 -3.37 16.68 0.95
CA SER A 300 -2.35 17.07 -0.02
C SER A 300 -2.34 18.58 -0.23
N ILE A 301 -3.53 19.17 -0.30
CA ILE A 301 -3.67 20.63 -0.36
C ILE A 301 -3.03 21.31 0.85
N VAL A 302 -3.32 20.79 2.03
CA VAL A 302 -2.78 21.35 3.27
C VAL A 302 -1.26 21.30 3.22
N ASP A 303 -0.73 20.13 2.84
CA ASP A 303 0.71 19.92 2.75
C ASP A 303 1.35 20.94 1.83
N ASP A 304 0.75 21.15 0.66
CA ASP A 304 1.27 22.13 -0.29
C ASP A 304 1.22 23.55 0.29
N THR A 305 0.21 23.83 1.11
CA THR A 305 0.06 25.16 1.71
C THR A 305 1.19 25.46 2.70
N PHE A 306 1.57 24.45 3.47
CA PHE A 306 2.67 24.58 4.38
C PHE A 306 4.01 24.62 3.65
N ASP A 307 4.14 23.79 2.62
CA ASP A 307 5.45 23.57 2.03
C ASP A 307 5.87 24.71 1.10
N ALA A 308 4.92 25.24 0.35
CA ALA A 308 5.28 26.17 -0.72
C ALA A 308 4.27 27.29 -0.99
N TYR A 309 3.73 27.92 0.05
CA TYR A 309 2.90 29.11 -0.19
C TYR A 309 2.67 29.95 1.07
N GLY A 310 2.22 29.33 2.14
CA GLY A 310 1.88 30.06 3.35
C GLY A 310 3.07 30.70 4.05
N THR A 311 2.85 31.89 4.62
CA THR A 311 3.86 32.55 5.45
C THR A 311 3.82 31.93 6.84
N VAL A 312 4.84 32.20 7.65
CA VAL A 312 4.91 31.66 9.01
C VAL A 312 3.66 32.06 9.80
N LYS A 313 3.29 33.32 9.66
CA LYS A 313 2.13 33.88 10.35
C LYS A 313 0.85 33.19 9.90
N GLU A 314 0.67 33.04 8.59
CA GLU A 314 -0.49 32.37 8.03
C GLU A 314 -0.61 30.91 8.49
N LEU A 315 0.51 30.20 8.50
CA LEU A 315 0.48 28.78 8.86
C LEU A 315 0.07 28.59 10.32
N GLU A 316 0.49 29.54 11.16
CA GLU A 316 0.13 29.53 12.57
C GLU A 316 -1.37 29.60 12.76
N ALA A 317 -1.99 30.60 12.15
CA ALA A 317 -3.43 30.80 12.24
C ALA A 317 -4.16 29.58 11.71
N TYR A 318 -3.69 29.07 10.57
CA TYR A 318 -4.27 27.88 9.96
C TYR A 318 -4.21 26.69 10.93
N THR A 319 -3.03 26.47 11.50
CA THR A 319 -2.84 25.41 12.49
C THR A 319 -3.81 25.56 13.66
N ASP A 320 -3.88 26.77 14.22
CA ASP A 320 -4.77 27.03 15.34
C ASP A 320 -6.24 26.83 14.94
N ALA A 321 -6.60 27.32 13.75
CA ALA A 321 -7.95 27.11 13.25
C ALA A 321 -8.29 25.61 13.15
N ILE A 322 -7.36 24.82 12.64
CA ILE A 322 -7.57 23.37 12.55
C ILE A 322 -7.79 22.77 13.95
N GLN A 323 -7.00 23.17 14.93
CA GLN A 323 -7.16 22.59 16.27
C GLN A 323 -8.57 22.89 16.83
N ARG A 324 -9.07 24.10 16.58
CA ARG A 324 -10.36 24.50 17.15
C ARG A 324 -11.55 23.92 16.39
N TRP A 325 -11.37 23.64 15.09
CA TRP A 325 -12.37 22.96 14.27
C TRP A 325 -13.77 23.55 14.40
N ASP A 326 -13.92 24.78 13.90
CA ASP A 326 -15.15 25.51 14.11
C ASP A 326 -15.30 26.49 12.95
N ILE A 327 -16.45 26.45 12.28
CA ILE A 327 -16.65 27.28 11.10
C ILE A 327 -16.60 28.76 11.46
N ASN A 328 -16.82 29.07 12.74
CA ASN A 328 -16.75 30.44 13.23
C ASN A 328 -15.30 30.98 13.17
N GLU A 329 -14.34 30.08 12.90
CA GLU A 329 -12.92 30.46 12.85
C GLU A 329 -12.46 30.98 11.47
N ILE A 330 -13.32 30.92 10.46
CA ILE A 330 -12.92 31.37 9.12
C ILE A 330 -12.42 32.81 9.08
N ASP A 331 -12.87 33.62 10.04
CA ASP A 331 -12.50 35.04 10.12
C ASP A 331 -11.00 35.29 10.12
N ARG A 332 -10.27 34.49 10.89
CA ARG A 332 -8.86 34.73 11.17
C ARG A 332 -7.94 34.35 10.02
N LEU A 333 -8.50 33.71 9.00
CA LEU A 333 -7.69 33.18 7.91
C LEU A 333 -7.69 34.13 6.70
N PRO A 334 -6.58 34.16 5.95
CA PRO A 334 -6.56 34.88 4.67
C PRO A 334 -7.54 34.22 3.72
N ASP A 335 -8.03 34.97 2.73
CA ASP A 335 -9.06 34.47 1.81
C ASP A 335 -8.74 33.09 1.26
N TYR A 336 -7.52 32.90 0.75
CA TYR A 336 -7.18 31.63 0.10
C TYR A 336 -7.22 30.49 1.11
N MET A 337 -6.86 30.78 2.35
CA MET A 337 -6.88 29.76 3.39
C MET A 337 -8.31 29.42 3.79
N LYS A 338 -9.21 30.40 3.73
CA LYS A 338 -10.62 30.16 3.98
C LYS A 338 -11.15 29.06 3.06
N ILE A 339 -10.64 29.05 1.83
CA ILE A 339 -11.10 28.11 0.80
C ILE A 339 -10.96 26.67 1.28
N SER A 340 -9.75 26.31 1.69
CA SER A 340 -9.49 24.93 2.07
C SER A 340 -10.07 24.61 3.45
N TYR A 341 -10.11 25.60 4.33
CA TYR A 341 -10.61 25.35 5.68
C TYR A 341 -12.09 24.98 5.64
N LYS A 342 -12.89 25.72 4.87
CA LYS A 342 -14.31 25.36 4.74
C LYS A 342 -14.48 24.01 4.06
N ALA A 343 -13.68 23.78 3.02
CA ALA A 343 -13.73 22.53 2.28
C ALA A 343 -13.46 21.35 3.21
N ILE A 344 -12.49 21.52 4.09
CA ILE A 344 -12.16 20.47 5.05
C ILE A 344 -13.32 20.21 6.00
N LEU A 345 -13.86 21.28 6.58
CA LEU A 345 -14.99 21.16 7.50
C LEU A 345 -16.21 20.53 6.81
N ASP A 346 -16.49 20.96 5.58
CA ASP A 346 -17.58 20.38 4.80
C ASP A 346 -17.39 18.89 4.55
N LEU A 347 -16.16 18.51 4.22
CA LEU A 347 -15.85 17.13 3.86
C LEU A 347 -16.24 16.21 5.01
N TYR A 348 -15.87 16.60 6.22
CA TYR A 348 -16.16 15.79 7.38
C TYR A 348 -17.62 15.80 7.75
N LYS A 349 -18.30 16.91 7.49
CA LYS A 349 -19.75 16.96 7.61
C LYS A 349 -20.37 15.97 6.62
N ASP A 350 -19.85 15.97 5.39
CA ASP A 350 -20.31 15.01 4.40
C ASP A 350 -20.10 13.57 4.88
N TYR A 351 -18.96 13.30 5.51
CA TYR A 351 -18.65 11.96 6.03
C TYR A 351 -19.69 11.54 7.05
N GLU A 352 -19.92 12.41 8.04
CA GLU A 352 -20.93 12.19 9.06
C GLU A 352 -22.30 11.91 8.43
N LYS A 353 -22.69 12.74 7.47
CA LYS A 353 -23.96 12.57 6.76
C LYS A 353 -24.02 11.21 6.06
N GLU A 354 -22.91 10.83 5.45
CA GLU A 354 -22.83 9.61 4.66
C GLU A 354 -22.87 8.35 5.54
N LEU A 355 -22.42 8.47 6.78
CA LEU A 355 -22.42 7.37 7.71
C LEU A 355 -23.64 7.38 8.64
N SER A 356 -24.56 8.31 8.40
CA SER A 356 -25.74 8.49 9.26
C SER A 356 -26.66 7.29 9.31
N SER A 357 -27.15 6.85 8.15
CA SER A 357 -28.14 5.77 8.10
C SER A 357 -27.57 4.42 8.57
N ALA A 358 -26.27 4.37 8.84
CA ALA A 358 -25.65 3.17 9.37
C ALA A 358 -25.41 3.30 10.87
N GLY A 359 -25.71 4.47 11.42
CA GLY A 359 -25.48 4.75 12.83
C GLY A 359 -24.01 4.76 13.19
N ARG A 360 -23.16 5.11 12.23
CA ARG A 360 -21.72 5.09 12.43
C ARG A 360 -21.10 6.48 12.35
N SER A 361 -21.93 7.52 12.44
CA SER A 361 -21.47 8.91 12.34
C SER A 361 -20.40 9.29 13.36
N HIS A 362 -20.56 8.78 14.58
CA HIS A 362 -19.69 9.10 15.71
C HIS A 362 -18.22 8.73 15.53
N ILE A 363 -17.90 7.87 14.57
CA ILE A 363 -16.52 7.45 14.41
C ILE A 363 -15.67 8.47 13.65
N VAL A 364 -16.32 9.44 13.02
CA VAL A 364 -15.59 10.39 12.19
C VAL A 364 -14.59 11.20 13.04
N CYS A 365 -14.92 11.42 14.31
CA CYS A 365 -14.03 12.17 15.21
C CYS A 365 -12.61 11.60 15.28
N HIS A 366 -12.44 10.29 15.11
CA HIS A 366 -11.12 9.69 15.20
C HIS A 366 -10.19 10.17 14.08
N ALA A 367 -10.75 10.29 12.87
CA ALA A 367 -9.97 10.78 11.73
C ALA A 367 -9.67 12.27 11.90
N ILE A 368 -10.66 13.01 12.39
CA ILE A 368 -10.47 14.43 12.63
C ILE A 368 -9.30 14.67 13.59
N GLU A 369 -9.25 13.92 14.69
CA GLU A 369 -8.16 14.08 15.65
C GLU A 369 -6.81 13.77 14.99
N ARG A 370 -6.79 12.79 14.09
CA ARG A 370 -5.54 12.45 13.42
C ARG A 370 -5.15 13.56 12.46
N MET A 371 -6.13 14.21 11.84
CA MET A 371 -5.82 15.31 10.93
C MET A 371 -5.24 16.48 11.72
N LYS A 372 -5.82 16.76 12.88
CA LYS A 372 -5.28 17.80 13.76
C LYS A 372 -3.82 17.52 14.04
N GLU A 373 -3.51 16.25 14.30
CA GLU A 373 -2.15 15.82 14.58
C GLU A 373 -1.22 16.08 13.42
N VAL A 374 -1.65 15.69 12.22
CA VAL A 374 -0.87 15.97 11.02
C VAL A 374 -0.55 17.46 10.92
N VAL A 375 -1.57 18.32 11.06
CA VAL A 375 -1.36 19.75 10.89
C VAL A 375 -0.46 20.37 11.96
N ARG A 376 -0.63 19.96 13.23
CA ARG A 376 0.29 20.39 14.28
C ARG A 376 1.74 20.13 13.87
N ASN A 377 2.00 18.94 13.33
CA ASN A 377 3.39 18.56 13.03
C ASN A 377 3.89 19.18 11.73
N TYR A 378 2.99 19.48 10.79
CA TYR A 378 3.34 20.32 9.64
C TYR A 378 3.89 21.68 10.09
N ASN A 379 3.25 22.26 11.10
CA ASN A 379 3.68 23.55 11.60
C ASN A 379 5.03 23.48 12.32
N VAL A 380 5.23 22.41 13.09
CA VAL A 380 6.51 22.19 13.75
C VAL A 380 7.64 22.09 12.71
N GLU A 381 7.38 21.31 11.66
CA GLU A 381 8.31 21.16 10.55
C GLU A 381 8.65 22.52 9.92
N SER A 382 7.64 23.36 9.77
CA SER A 382 7.83 24.70 9.24
C SER A 382 8.74 25.53 10.14
N THR A 383 8.47 25.50 11.44
CA THR A 383 9.29 26.24 12.40
C THR A 383 10.75 25.83 12.33
N TRP A 384 10.99 24.51 12.30
CA TRP A 384 12.35 23.97 12.20
C TRP A 384 13.07 24.49 10.95
N PHE A 385 12.37 24.44 9.82
CA PHE A 385 12.93 24.95 8.57
C PHE A 385 13.32 26.42 8.70
N ILE A 386 12.42 27.22 9.25
CA ILE A 386 12.63 28.66 9.39
C ILE A 386 13.79 28.99 10.33
N GLU A 387 13.96 28.21 11.39
CA GLU A 387 15.00 28.50 12.38
C GLU A 387 16.34 27.89 11.98
N GLY A 388 16.31 27.03 10.96
CA GLY A 388 17.49 26.26 10.56
C GLY A 388 17.89 25.20 11.58
N TYR A 389 16.90 24.57 12.19
CA TYR A 389 17.16 23.61 13.26
C TYR A 389 17.32 22.20 12.69
N THR A 390 18.38 21.51 13.11
CA THR A 390 18.58 20.12 12.74
C THR A 390 18.52 19.24 13.99
N PRO A 391 17.33 18.71 14.30
CA PRO A 391 17.10 17.93 15.52
C PRO A 391 17.80 16.58 15.49
N PRO A 392 18.05 16.00 16.68
CA PRO A 392 18.48 14.60 16.72
C PRO A 392 17.43 13.70 16.07
N VAL A 393 17.83 12.49 15.64
CA VAL A 393 16.91 11.59 14.99
C VAL A 393 15.66 11.30 15.83
N SER A 394 15.84 11.09 17.13
CA SER A 394 14.71 10.72 17.96
C SER A 394 13.67 11.86 17.95
N GLU A 395 14.13 13.10 18.07
CA GLU A 395 13.22 14.25 18.00
C GLU A 395 12.63 14.39 16.60
N TYR A 396 13.47 14.23 15.59
CA TYR A 396 13.00 14.29 14.21
C TYR A 396 11.82 13.35 13.99
N LEU A 397 11.98 12.10 14.39
CA LEU A 397 10.93 11.12 14.19
C LEU A 397 9.69 11.46 15.01
N SER A 398 9.87 12.00 16.22
CA SER A 398 8.72 12.30 17.07
C SER A 398 7.78 13.25 16.33
N ASN A 399 8.33 14.07 15.44
CA ASN A 399 7.49 14.93 14.61
C ASN A 399 7.19 14.37 13.23
N ALA A 400 8.21 13.87 12.56
CA ALA A 400 8.11 13.55 11.14
C ALA A 400 7.35 12.27 10.84
N LEU A 401 7.14 11.40 11.83
CA LEU A 401 6.35 10.19 11.55
C LEU A 401 4.91 10.57 11.18
N ALA A 402 4.31 11.47 11.93
CA ALA A 402 2.93 11.85 11.63
C ALA A 402 2.80 12.61 10.29
N THR A 403 3.83 13.35 9.89
CA THR A 403 3.75 14.10 8.64
C THR A 403 3.82 13.20 7.40
N THR A 404 4.01 11.89 7.59
CA THR A 404 3.82 10.97 6.46
C THR A 404 2.34 10.94 6.06
N THR A 405 1.50 11.34 7.03
CA THR A 405 0.03 11.24 7.00
C THR A 405 -0.48 9.81 7.24
N TYR A 406 0.43 8.87 7.47
CA TYR A 406 0.02 7.46 7.53
C TYR A 406 -0.83 7.06 8.75
N TYR A 407 -0.64 7.66 9.94
CA TYR A 407 -1.57 7.37 11.03
C TYR A 407 -2.97 7.83 10.60
N TYR A 408 -2.99 8.99 9.96
CA TYR A 408 -4.21 9.63 9.51
C TYR A 408 -4.88 8.80 8.41
N LEU A 409 -4.10 8.32 7.45
CA LEU A 409 -4.69 7.56 6.34
C LEU A 409 -5.23 6.22 6.81
N ALA A 410 -4.46 5.52 7.66
CA ALA A 410 -4.96 4.24 8.16
C ALA A 410 -6.27 4.46 8.92
N THR A 411 -6.35 5.54 9.70
CA THR A 411 -7.56 5.84 10.45
C THR A 411 -8.72 6.15 9.51
N THR A 412 -8.42 6.93 8.47
CA THR A 412 -9.41 7.25 7.47
C THR A 412 -9.90 5.99 6.77
N SER A 413 -8.99 5.04 6.56
CA SER A 413 -9.34 3.87 5.75
C SER A 413 -10.47 3.08 6.43
N TYR A 414 -10.57 3.19 7.75
CA TYR A 414 -11.61 2.45 8.49
C TYR A 414 -13.01 3.06 8.34
N LEU A 415 -13.07 4.36 8.04
CA LEU A 415 -14.34 5.09 8.03
C LEU A 415 -15.45 4.42 7.22
N GLY A 416 -15.14 4.01 5.99
CA GLY A 416 -16.15 3.43 5.13
C GLY A 416 -16.29 1.93 5.30
N MET A 417 -15.50 1.34 6.19
CA MET A 417 -15.59 -0.11 6.43
C MET A 417 -16.71 -0.39 7.41
N LYS A 418 -17.73 -1.07 6.92
CA LYS A 418 -18.98 -1.19 7.66
C LYS A 418 -18.81 -1.97 8.97
N SER A 419 -17.87 -2.89 9.01
CA SER A 419 -17.68 -3.71 10.21
C SER A 419 -16.73 -3.08 11.24
N ALA A 420 -16.11 -1.96 10.92
CA ALA A 420 -15.18 -1.33 11.85
C ALA A 420 -15.94 -0.75 13.06
N THR A 421 -15.55 -1.17 14.26
CA THR A 421 -16.21 -0.72 15.49
C THR A 421 -15.36 0.29 16.23
N GLU A 422 -15.97 0.93 17.22
CA GLU A 422 -15.26 1.86 18.10
C GLU A 422 -14.03 1.19 18.73
N GLN A 423 -14.15 -0.10 19.03
CA GLN A 423 -13.05 -0.85 19.61
C GLN A 423 -11.87 -0.94 18.64
N ASP A 424 -12.16 -1.08 17.34
CA ASP A 424 -11.10 -1.07 16.36
C ASP A 424 -10.40 0.30 16.32
N PHE A 425 -11.16 1.38 16.39
CA PHE A 425 -10.58 2.73 16.39
C PHE A 425 -9.77 2.98 17.68
N GLU A 426 -10.24 2.43 18.77
CA GLU A 426 -9.53 2.52 20.05
C GLU A 426 -8.15 1.87 19.94
N TRP A 427 -8.12 0.67 19.39
CA TRP A 427 -6.85 -0.04 19.18
C TRP A 427 -5.89 0.79 18.33
N LEU A 428 -6.41 1.32 17.23
CA LEU A 428 -5.59 2.08 16.30
C LEU A 428 -5.07 3.36 16.95
N SER A 429 -5.88 3.98 17.81
CA SER A 429 -5.50 5.25 18.41
C SER A 429 -4.28 5.13 19.32
N LYS A 430 -3.95 3.91 19.72
CA LYS A 430 -2.84 3.68 20.64
C LYS A 430 -1.52 3.45 19.91
N ASN A 431 -1.50 3.77 18.61
CA ASN A 431 -0.32 3.53 17.78
C ASN A 431 0.26 2.13 17.97
N PRO A 432 -0.50 1.09 17.59
CA PRO A 432 -0.01 -0.28 17.75
C PRO A 432 1.19 -0.51 16.84
N LYS A 433 1.95 -1.56 17.15
CA LYS A 433 3.23 -1.83 16.50
C LYS A 433 3.13 -1.89 14.99
N ILE A 434 2.13 -2.60 14.47
CA ILE A 434 2.02 -2.79 13.02
C ILE A 434 1.80 -1.44 12.30
N LEU A 435 1.06 -0.54 12.94
CA LEU A 435 0.81 0.78 12.34
C LEU A 435 2.10 1.58 12.34
N GLU A 436 2.75 1.61 13.51
CA GLU A 436 4.00 2.37 13.67
C GLU A 436 5.02 1.91 12.64
N ALA A 437 5.05 0.60 12.36
CA ALA A 437 5.96 0.05 11.37
C ALA A 437 5.67 0.59 9.97
N SER A 438 4.40 0.57 9.60
CA SER A 438 4.02 1.08 8.29
C SER A 438 4.38 2.57 8.16
N VAL A 439 4.12 3.33 9.22
CA VAL A 439 4.47 4.75 9.22
C VAL A 439 5.97 4.97 9.04
N ILE A 440 6.76 4.20 9.78
CA ILE A 440 8.23 4.26 9.70
C ILE A 440 8.73 3.95 8.30
N ILE A 441 8.13 2.93 7.68
CA ILE A 441 8.54 2.57 6.32
C ILE A 441 8.32 3.72 5.38
N CYS A 442 7.16 4.37 5.48
CA CYS A 442 6.87 5.52 4.64
C CYS A 442 7.87 6.65 4.91
N ARG A 443 8.17 6.87 6.18
CA ARG A 443 9.07 7.96 6.57
C ARG A 443 10.48 7.77 6.03
N VAL A 444 11.07 6.60 6.27
CA VAL A 444 12.47 6.42 5.91
C VAL A 444 12.68 6.20 4.41
N ILE A 445 11.69 5.63 3.72
CA ILE A 445 11.84 5.41 2.28
C ILE A 445 11.69 6.74 1.54
N ASP A 446 10.70 7.53 1.93
CA ASP A 446 10.58 8.88 1.39
C ASP A 446 11.84 9.72 1.68
N ASP A 447 12.33 9.69 2.92
CA ASP A 447 13.52 10.51 3.25
C ASP A 447 14.75 10.12 2.42
N THR A 448 14.91 8.83 2.14
CA THR A 448 16.00 8.34 1.30
C THR A 448 15.86 8.78 -0.16
N ALA A 449 14.62 8.72 -0.66
CA ALA A 449 14.35 9.05 -2.05
C ALA A 449 14.35 10.55 -2.30
N THR A 450 13.96 11.33 -1.29
CA THR A 450 13.81 12.78 -1.50
C THR A 450 14.87 13.63 -0.83
N TYR A 451 15.90 12.98 -0.26
CA TYR A 451 16.96 13.71 0.43
C TYR A 451 17.60 14.80 -0.43
N GLU A 452 18.10 14.42 -1.60
CA GLU A 452 18.89 15.34 -2.42
C GLU A 452 18.11 16.57 -2.86
N VAL A 453 16.87 16.39 -3.29
CA VAL A 453 16.03 17.52 -3.67
C VAL A 453 15.74 18.41 -2.44
N GLU A 454 15.32 17.79 -1.35
CA GLU A 454 15.02 18.57 -0.15
C GLU A 454 16.25 19.32 0.37
N LYS A 455 17.43 18.68 0.25
CA LYS A 455 18.70 19.30 0.61
C LYS A 455 19.00 20.51 -0.26
N SER A 456 18.59 20.43 -1.53
CA SER A 456 18.80 21.52 -2.48
C SER A 456 17.96 22.73 -2.11
N ARG A 457 16.78 22.47 -1.56
CA ARG A 457 15.84 23.53 -1.19
C ARG A 457 16.12 24.07 0.22
N GLY A 458 17.22 23.62 0.83
CA GLY A 458 17.64 24.13 2.12
C GLY A 458 16.95 23.51 3.34
N GLN A 459 16.33 22.35 3.16
CA GLN A 459 15.63 21.71 4.26
C GLN A 459 16.62 20.94 5.15
N ILE A 460 17.21 21.65 6.10
CA ILE A 460 18.26 21.10 6.95
C ILE A 460 17.73 20.17 8.02
N ALA A 461 16.42 20.04 8.11
CA ALA A 461 15.81 19.12 9.05
C ALA A 461 15.20 17.92 8.35
N THR A 462 15.68 17.59 7.14
CA THR A 462 15.29 16.33 6.49
C THR A 462 15.89 15.14 7.20
N GLY A 463 15.24 13.99 7.09
CA GLY A 463 15.62 12.84 7.90
C GLY A 463 17.08 12.41 7.81
N ILE A 464 17.59 12.33 6.57
CA ILE A 464 18.95 11.88 6.37
C ILE A 464 19.95 12.89 6.92
N GLU A 465 19.63 14.18 6.81
CA GLU A 465 20.45 15.23 7.39
C GLU A 465 20.54 15.10 8.91
N CYS A 466 19.37 14.95 9.55
CA CYS A 466 19.31 14.69 10.98
C CYS A 466 20.12 13.45 11.36
N CYS A 467 20.05 12.42 10.50
CA CYS A 467 20.74 11.18 10.78
C CYS A 467 22.26 11.38 10.69
N MET A 468 22.70 12.00 9.60
CA MET A 468 24.10 12.35 9.39
C MET A 468 24.70 13.11 10.57
N ARG A 469 24.03 14.18 10.99
CA ARG A 469 24.57 15.06 12.04
C ARG A 469 24.53 14.35 13.40
N ASP A 470 23.45 13.65 13.68
CA ASP A 470 23.30 12.97 14.97
C ASP A 470 24.40 11.93 15.18
N TYR A 471 24.56 11.01 14.23
CA TYR A 471 25.52 9.93 14.38
C TYR A 471 26.91 10.29 13.86
N GLY A 472 27.03 11.46 13.23
CA GLY A 472 28.29 11.89 12.64
C GLY A 472 28.75 10.97 11.52
N ILE A 473 27.82 10.60 10.65
CA ILE A 473 28.10 9.67 9.54
C ILE A 473 27.79 10.30 8.18
N SER A 474 28.27 9.66 7.11
CA SER A 474 28.08 10.16 5.74
C SER A 474 26.66 9.94 5.26
N THR A 475 26.33 10.50 4.10
CA THR A 475 25.00 10.36 3.53
C THR A 475 24.73 8.90 3.19
N LYS A 476 25.72 8.24 2.61
CA LYS A 476 25.64 6.81 2.32
C LYS A 476 25.32 6.00 3.57
N GLU A 477 26.07 6.23 4.64
CA GLU A 477 25.89 5.51 5.90
C GLU A 477 24.52 5.79 6.52
N ALA A 478 24.06 7.03 6.43
CA ALA A 478 22.75 7.39 6.96
C ALA A 478 21.64 6.67 6.19
N MET A 479 21.80 6.61 4.87
CA MET A 479 20.81 5.94 4.05
C MET A 479 20.77 4.45 4.36
N ALA A 480 21.93 3.85 4.64
CA ALA A 480 21.96 2.44 5.02
C ALA A 480 21.26 2.22 6.37
N LYS A 481 21.44 3.14 7.29
CA LYS A 481 20.77 3.06 8.58
C LYS A 481 19.24 3.12 8.38
N PHE A 482 18.79 4.04 7.52
CA PHE A 482 17.37 4.18 7.24
C PHE A 482 16.82 2.92 6.54
N GLN A 483 17.62 2.33 5.67
CA GLN A 483 17.19 1.07 5.04
C GLN A 483 17.01 -0.02 6.10
N ASN A 484 17.91 -0.06 7.09
CA ASN A 484 17.80 -1.03 8.18
C ASN A 484 16.52 -0.83 8.97
N MET A 485 16.15 0.42 9.18
CA MET A 485 14.90 0.74 9.88
C MET A 485 13.68 0.22 9.10
N ALA A 486 13.73 0.32 7.78
CA ALA A 486 12.64 -0.22 6.95
C ALA A 486 12.54 -1.74 7.05
N GLU A 487 13.69 -2.40 7.10
CA GLU A 487 13.69 -3.87 7.18
C GLU A 487 13.15 -4.34 8.52
N THR A 488 13.60 -3.70 9.59
CA THR A 488 13.08 -3.97 10.93
C THR A 488 11.57 -3.80 10.95
N ALA A 489 11.10 -2.71 10.32
CA ALA A 489 9.68 -2.39 10.28
C ALA A 489 8.89 -3.45 9.51
N TRP A 490 9.42 -3.91 8.38
CA TRP A 490 8.73 -4.97 7.63
C TRP A 490 8.62 -6.22 8.49
N LYS A 491 9.66 -6.55 9.24
CA LYS A 491 9.58 -7.73 10.11
C LYS A 491 8.51 -7.54 11.17
N ASP A 492 8.40 -6.32 11.69
CA ASP A 492 7.33 -5.97 12.62
C ASP A 492 5.93 -6.06 12.01
N ILE A 493 5.77 -5.64 10.76
CA ILE A 493 4.49 -5.84 10.07
C ILE A 493 4.14 -7.33 9.95
N ASN A 494 5.11 -8.13 9.50
CA ASN A 494 4.86 -9.55 9.34
C ASN A 494 4.47 -10.20 10.66
N GLU A 495 5.16 -9.81 11.73
CA GLU A 495 4.84 -10.36 13.06
C GLU A 495 3.45 -9.91 13.51
N GLY A 496 3.08 -8.70 13.12
CA GLY A 496 1.79 -8.13 13.49
C GLY A 496 0.60 -8.82 12.83
N LEU A 497 0.85 -9.59 11.78
CA LEU A 497 -0.22 -10.33 11.08
C LEU A 497 -0.48 -11.70 11.72
N LEU A 498 0.40 -12.12 12.64
CA LEU A 498 0.31 -13.48 13.19
C LEU A 498 -0.84 -13.64 14.17
N ARG A 499 -1.53 -14.78 14.10
CA ARG A 499 -2.65 -15.05 15.00
C ARG A 499 -2.19 -15.44 16.40
N PRO A 500 -3.00 -15.14 17.42
CA PRO A 500 -4.23 -14.34 17.36
C PRO A 500 -3.93 -12.85 17.11
N THR A 501 -4.71 -12.22 16.25
CA THR A 501 -4.54 -10.80 15.95
C THR A 501 -5.33 -9.96 16.95
N PRO A 502 -4.89 -8.72 17.23
CA PRO A 502 -5.57 -7.93 18.27
C PRO A 502 -6.90 -7.34 17.78
N VAL A 503 -7.04 -7.25 16.47
CA VAL A 503 -8.28 -6.89 15.82
C VAL A 503 -8.41 -7.83 14.64
N SER A 504 -9.60 -7.92 14.06
CA SER A 504 -9.79 -8.74 12.87
C SER A 504 -8.80 -8.39 11.76
N THR A 505 -8.34 -9.40 11.03
CA THR A 505 -7.37 -9.23 9.95
C THR A 505 -7.82 -8.19 8.92
N GLU A 506 -9.13 -8.10 8.72
CA GLU A 506 -9.72 -7.07 7.86
C GLU A 506 -9.17 -5.65 8.15
N PHE A 507 -8.80 -5.39 9.40
CA PHE A 507 -8.35 -4.06 9.79
C PHE A 507 -6.82 -3.95 9.83
N LEU A 508 -6.14 -5.07 9.62
CA LEU A 508 -4.70 -5.05 9.48
C LEU A 508 -4.27 -4.89 8.03
N THR A 509 -5.02 -5.52 7.13
CA THR A 509 -4.66 -5.49 5.71
C THR A 509 -4.50 -4.05 5.14
N PRO A 510 -5.34 -3.08 5.55
CA PRO A 510 -5.12 -1.73 5.03
C PRO A 510 -3.75 -1.18 5.42
N ILE A 511 -3.30 -1.55 6.61
CA ILE A 511 -2.03 -1.06 7.14
C ILE A 511 -0.88 -1.72 6.39
N LEU A 512 -0.99 -3.02 6.18
CA LEU A 512 -0.08 -3.74 5.31
C LEU A 512 -0.03 -3.08 3.92
N ASN A 513 -1.21 -2.73 3.39
CA ASN A 513 -1.28 -2.20 2.03
C ASN A 513 -0.73 -0.78 1.91
N LEU A 514 -0.83 0.00 2.99
CA LEU A 514 -0.16 1.32 3.05
C LEU A 514 1.36 1.16 2.90
N ALA A 515 1.92 0.15 3.57
CA ALA A 515 3.36 -0.13 3.45
C ALA A 515 3.73 -0.56 2.03
N ARG A 516 2.91 -1.42 1.44
CA ARG A 516 3.11 -1.84 0.06
C ARG A 516 3.10 -0.62 -0.89
N ILE A 517 2.18 0.30 -0.64
CA ILE A 517 2.08 1.50 -1.47
C ILE A 517 3.41 2.27 -1.44
N VAL A 518 4.06 2.29 -0.27
CA VAL A 518 5.36 2.96 -0.17
C VAL A 518 6.41 2.30 -1.07
N GLU A 519 6.48 0.97 -1.00
CA GLU A 519 7.51 0.21 -1.74
C GLU A 519 7.30 0.42 -3.23
N VAL A 520 6.04 0.48 -3.65
CA VAL A 520 5.72 0.60 -5.05
C VAL A 520 5.91 2.03 -5.56
N THR A 521 5.54 3.02 -4.75
CA THR A 521 5.62 4.43 -5.16
C THR A 521 7.06 4.92 -5.24
N TYR A 522 7.94 4.36 -4.40
CA TYR A 522 9.34 4.77 -4.39
C TYR A 522 10.27 3.65 -4.87
N ILE A 523 9.78 2.78 -5.75
CA ILE A 523 10.58 1.66 -6.24
C ILE A 523 11.93 2.13 -6.80
N HIS A 524 12.98 1.35 -6.56
CA HIS A 524 14.34 1.68 -6.99
C HIS A 524 14.82 3.04 -6.46
N ASN A 525 14.27 3.46 -5.32
CA ASN A 525 14.60 4.76 -4.71
C ASN A 525 14.24 5.95 -5.61
N LEU A 526 13.32 5.74 -6.53
CA LEU A 526 12.78 6.83 -7.33
C LEU A 526 11.78 7.62 -6.50
N ASP A 527 11.70 8.93 -6.71
CA ASP A 527 10.64 9.71 -6.09
C ASP A 527 9.38 9.65 -6.97
N GLY A 528 8.56 8.62 -6.76
CA GLY A 528 7.31 8.49 -7.48
C GLY A 528 6.22 9.29 -6.81
N TYR A 529 6.57 9.88 -5.69
CA TYR A 529 5.64 10.72 -4.95
C TYR A 529 5.46 12.08 -5.63
N THR A 530 6.56 12.76 -5.89
CA THR A 530 6.49 14.12 -6.43
C THR A 530 6.35 14.10 -7.96
N HIS A 531 6.72 12.98 -8.56
CA HIS A 531 6.74 12.88 -10.02
C HIS A 531 5.94 11.67 -10.49
N PRO A 532 4.65 11.88 -10.75
CA PRO A 532 3.68 10.85 -11.16
C PRO A 532 4.07 10.10 -12.43
N GLU A 533 4.72 10.79 -13.36
CA GLU A 533 5.10 10.15 -14.62
C GLU A 533 6.21 9.12 -14.40
N LYS A 534 6.95 9.28 -13.32
CA LYS A 534 8.13 8.46 -13.06
C LYS A 534 7.78 7.02 -12.73
N VAL A 535 6.80 6.82 -11.86
CA VAL A 535 6.48 5.48 -11.38
C VAL A 535 5.02 5.12 -11.57
N LEU A 536 4.12 6.05 -11.26
CA LEU A 536 2.71 5.69 -11.12
C LEU A 536 1.90 5.65 -12.43
N LYS A 537 2.29 6.43 -13.41
CA LYS A 537 1.52 6.52 -14.66
C LYS A 537 1.26 5.15 -15.34
N PRO A 538 2.29 4.31 -15.51
CA PRO A 538 1.95 3.01 -16.11
C PRO A 538 0.99 2.15 -15.28
N HIS A 539 1.07 2.22 -13.95
CA HIS A 539 0.15 1.44 -13.12
C HIS A 539 -1.28 1.94 -13.29
N ILE A 540 -1.44 3.25 -13.37
CA ILE A 540 -2.76 3.84 -13.56
C ILE A 540 -3.35 3.46 -14.93
N ILE A 541 -2.52 3.44 -15.95
CA ILE A 541 -2.99 3.00 -17.27
C ILE A 541 -3.43 1.51 -17.21
N ASN A 542 -2.59 0.67 -16.61
CA ASN A 542 -2.87 -0.76 -16.54
C ASN A 542 -4.05 -1.10 -15.65
N LEU A 543 -4.27 -0.30 -14.60
CA LEU A 543 -5.36 -0.59 -13.67
C LEU A 543 -6.67 0.12 -14.03
N LEU A 544 -6.56 1.29 -14.64
CA LEU A 544 -7.72 2.18 -14.74
C LEU A 544 -8.04 2.69 -16.16
N VAL A 545 -7.18 2.41 -17.12
CA VAL A 545 -7.48 2.75 -18.51
C VAL A 545 -7.69 1.51 -19.39
N ASP A 546 -6.69 0.63 -19.43
CA ASP A 546 -6.76 -0.50 -20.37
C ASP A 546 -7.37 -1.71 -19.69
N SER A 547 -8.39 -2.29 -20.29
CA SER A 547 -8.91 -3.58 -19.79
C SER A 547 -7.97 -4.71 -20.20
N ILE A 548 -8.07 -5.85 -19.53
CA ILE A 548 -7.30 -7.03 -19.94
C ILE A 548 -7.96 -7.69 -21.15
N LYS A 549 -7.20 -7.91 -22.21
CA LYS A 549 -7.78 -8.45 -23.42
C LYS A 549 -8.12 -9.92 -23.19
N ILE A 550 -9.30 -10.31 -23.66
CA ILE A 550 -9.79 -11.68 -23.49
C ILE A 550 -9.69 -12.44 -24.79
#